data_4EXK
#
_entry.id   4EXK
#
_cell.length_a   64.079
_cell.length_b   64.079
_cell.length_c   180.912
_cell.angle_alpha   90.00
_cell.angle_beta   90.00
_cell.angle_gamma   120.00
#
_symmetry.space_group_name_H-M   'P 32 2 1'
#
loop_
_entity.id
_entity.type
_entity.pdbx_description
1 polymer 'Maltose-binding periplasmic protein, uncharacterized protein chimera'
2 branched alpha-D-glucopyranose-(1-4)-alpha-D-glucopyranose-(1-4)-alpha-D-glucopyranose-(1-4)-alpha-D-glucopyranose
3 non-polymer 'TRIETHYLENE GLYCOL'
4 water water
#
_entity_poly.entity_id   1
_entity_poly.type   'polypeptide(L)'
_entity_poly.pdbx_seq_one_letter_code
;SNAAKIEEGKLVIWINGDKGYNGLAEVGKKFEKDTGIKVTVEHPDKLEEKFPQVAATGDGPDIIFWAHDRFGGYAQSGLL
AEITPAAAFQDKLYPFTWDAVRYNGKLIAYPIAVEALSLIYNKDLLPNPPKTWEEIPALDKELKAKGKSALMFNLQEPYF
TWPLIAADGGYAFKYAAGKYDIKDVGVDNAGAKAGLTFLVDLIKNKHMNADTDYSIAEAAFNKGETAMTINGPWAWSNID
TSAVNYGVTVLPTFKGQPSKPFVGVLSAGINAASPNKELAKEFLENYLLTDEGLEAVNKDKPLGAVALKSYEEELAKDPR
IAATMENAQKGEIMPNIPQMSAFWYAVRTAVINAASGRQTVDAALAAAQTNAAANTPSPDLTVMSIDKSVLSPGESATIT
TIVKDIDGNPVNEVHINKTVARENLKGLWDYGPLKKENVPGKYTQVITYRGHSNERIDISFKYAMSFTKEISIRGRLSLS
SVKNNIG
;
_entity_poly.pdbx_strand_id   A
#
loop_
_chem_comp.id
_chem_comp.type
_chem_comp.name
_chem_comp.formula
GLC D-saccharide, alpha linking alpha-D-glucopyranose 'C6 H12 O6'
PGE non-polymer 'TRIETHYLENE GLYCOL' 'C6 H14 O4'
#
# COMPACT_ATOMS: atom_id res chain seq x y z
N ALA A 4 -12.85 -11.27 15.28
CA ALA A 4 -12.93 -11.06 13.81
C ALA A 4 -14.16 -10.20 13.41
N LYS A 5 -15.33 -10.60 13.90
CA LYS A 5 -16.65 -10.04 13.43
C LYS A 5 -17.08 -8.71 14.05
N ILE A 6 -17.63 -7.88 13.16
CA ILE A 6 -18.34 -6.60 13.50
C ILE A 6 -19.65 -6.95 14.18
N GLU A 7 -19.78 -6.41 15.38
CA GLU A 7 -21.01 -6.54 16.19
C GLU A 7 -21.18 -5.35 17.12
N GLU A 8 -22.44 -5.00 17.33
CA GLU A 8 -22.80 -3.98 18.29
C GLU A 8 -22.14 -4.28 19.61
N GLY A 9 -21.52 -3.27 20.17
CA GLY A 9 -20.98 -3.33 21.57
C GLY A 9 -19.51 -3.74 21.76
N LYS A 10 -18.82 -3.83 20.64
CA LYS A 10 -17.43 -4.30 20.59
C LYS A 10 -16.75 -3.53 19.47
N LEU A 11 -15.43 -3.33 19.56
CA LEU A 11 -14.69 -2.62 18.50
C LEU A 11 -13.65 -3.53 17.88
N VAL A 12 -13.64 -3.54 16.56
CA VAL A 12 -12.62 -4.26 15.79
C VAL A 12 -11.85 -3.20 15.00
N ILE A 13 -10.52 -3.27 15.13
CA ILE A 13 -9.60 -2.33 14.51
C ILE A 13 -8.63 -3.08 13.60
N TRP A 14 -8.40 -2.56 12.40
CA TRP A 14 -7.37 -3.11 11.49
C TRP A 14 -6.29 -2.09 11.36
N ILE A 15 -5.03 -2.54 11.50
CA ILE A 15 -3.82 -1.69 11.36
C ILE A 15 -2.73 -2.57 10.73
N ASN A 16 -1.85 -1.97 9.98
CA ASN A 16 -0.80 -2.72 9.30
C ASN A 16 0.17 -3.34 10.29
N GLY A 17 0.72 -4.48 9.90
CA GLY A 17 1.59 -5.26 10.78
C GLY A 17 2.96 -4.66 11.04
N ASP A 18 3.34 -3.62 10.31
CA ASP A 18 4.57 -2.88 10.60
C ASP A 18 4.41 -1.77 11.65
N LYS A 19 3.19 -1.55 12.09
CA LYS A 19 2.91 -0.50 13.08
C LYS A 19 2.76 -1.10 14.49
N GLY A 20 2.60 -0.21 15.47
CA GLY A 20 2.55 -0.60 16.87
C GLY A 20 1.21 -1.17 17.32
N TYR A 21 0.83 -2.27 16.73
CA TYR A 21 -0.47 -2.88 17.00
C TYR A 21 -0.61 -3.39 18.43
N ASN A 22 0.48 -3.85 19.01
CA ASN A 22 0.45 -4.26 20.41
C ASN A 22 0.22 -3.09 21.36
N GLY A 23 0.89 -1.99 21.04
CA GLY A 23 0.69 -0.78 21.85
C GLY A 23 -0.73 -0.22 21.68
N LEU A 24 -1.24 -0.29 20.46
CA LEU A 24 -2.64 0.11 20.21
C LEU A 24 -3.63 -0.76 21.00
N ALA A 25 -3.34 -2.05 21.08
CA ALA A 25 -4.16 -2.95 21.88
C ALA A 25 -4.16 -2.59 23.37
N GLU A 26 -3.06 -2.08 23.84
CA GLU A 26 -2.97 -1.58 25.24
C GLU A 26 -3.94 -0.40 25.47
N VAL A 27 -4.02 0.50 24.51
CA VAL A 27 -4.98 1.61 24.58
C VAL A 27 -6.40 0.99 24.60
N GLY A 28 -6.60 0.01 23.74
CA GLY A 28 -7.86 -0.77 23.73
C GLY A 28 -8.22 -1.37 25.08
N LYS A 29 -7.23 -1.88 25.79
CA LYS A 29 -7.49 -2.46 27.13
C LYS A 29 -8.00 -1.45 28.12
N LYS A 30 -7.46 -0.27 28.00
CA LYS A 30 -7.86 0.85 28.89
C LYS A 30 -9.29 1.28 28.59
N PHE A 31 -9.60 1.33 27.31
CA PHE A 31 -10.97 1.62 26.90
C PHE A 31 -11.94 0.56 27.42
N GLU A 32 -11.51 -0.67 27.36
CA GLU A 32 -12.35 -1.81 27.79
C GLU A 32 -12.60 -1.74 29.30
N LYS A 33 -11.54 -1.38 30.01
CA LYS A 33 -11.61 -1.27 31.47
C LYS A 33 -12.68 -0.26 31.86
N ASP A 34 -12.65 0.88 31.18
CA ASP A 34 -13.56 1.99 31.51
C ASP A 34 -15.00 1.75 31.06
N THR A 35 -15.17 1.10 29.94
CA THR A 35 -16.46 1.04 29.21
C THR A 35 -17.15 -0.31 29.12
N GLY A 36 -16.37 -1.34 29.35
CA GLY A 36 -16.78 -2.73 29.10
C GLY A 36 -16.74 -3.21 27.64
N ILE A 37 -16.35 -2.28 26.78
CA ILE A 37 -16.28 -2.52 25.32
C ILE A 37 -14.93 -3.16 24.98
N LYS A 38 -14.97 -4.40 24.58
CA LYS A 38 -13.76 -5.09 24.10
C LYS A 38 -13.28 -4.45 22.80
N VAL A 39 -11.97 -4.28 22.74
CA VAL A 39 -11.26 -3.74 21.54
C VAL A 39 -10.26 -4.79 21.05
N THR A 40 -10.54 -5.22 19.85
CA THR A 40 -9.72 -6.27 19.21
C THR A 40 -8.96 -5.64 18.07
N VAL A 41 -7.65 -5.67 18.18
CA VAL A 41 -6.74 -5.13 17.15
C VAL A 41 -6.24 -6.30 16.27
N GLU A 42 -6.45 -6.19 14.97
CA GLU A 42 -5.98 -7.17 13.96
C GLU A 42 -5.09 -6.48 12.95
N HIS A 43 -4.23 -7.28 12.33
CA HIS A 43 -3.30 -6.80 11.28
C HIS A 43 -3.31 -7.73 10.07
N PRO A 44 -4.47 -7.88 9.40
CA PRO A 44 -4.54 -8.76 8.29
C PRO A 44 -3.61 -8.32 7.19
N ASP A 45 -3.09 -9.27 6.45
CA ASP A 45 -2.34 -8.85 5.26
CA ASP A 45 -2.40 -8.99 5.19
C ASP A 45 -3.34 -8.27 4.26
N LYS A 46 -2.83 -7.32 3.50
CA LYS A 46 -3.62 -6.67 2.46
C LYS A 46 -4.91 -6.02 2.98
N LEU A 47 -4.85 -5.51 4.19
CA LEU A 47 -6.05 -4.96 4.88
C LEU A 47 -6.65 -3.81 4.06
N GLU A 48 -5.80 -3.08 3.40
CA GLU A 48 -6.20 -1.90 2.62
C GLU A 48 -6.98 -2.28 1.35
N GLU A 49 -6.72 -3.48 0.86
CA GLU A 49 -7.41 -4.08 -0.28
C GLU A 49 -8.69 -4.78 0.19
N LYS A 50 -8.61 -5.42 1.33
CA LYS A 50 -9.76 -6.17 1.87
C LYS A 50 -10.87 -5.20 2.32
N PHE A 51 -10.47 -4.12 2.95
CA PHE A 51 -11.41 -3.17 3.60
C PHE A 51 -12.54 -2.78 2.64
N PRO A 52 -12.23 -2.28 1.41
CA PRO A 52 -13.31 -1.88 0.54
C PRO A 52 -14.20 -3.01 0.09
N GLN A 53 -13.67 -4.21 0.17
CA GLN A 53 -14.42 -5.38 -0.29
C GLN A 53 -15.44 -5.87 0.72
N VAL A 54 -15.12 -5.66 1.96
CA VAL A 54 -15.91 -6.19 3.07
C VAL A 54 -16.69 -5.11 3.86
N ALA A 55 -16.21 -3.90 3.83
CA ALA A 55 -16.83 -2.82 4.65
C ALA A 55 -18.30 -2.57 4.35
N ALA A 56 -18.63 -2.56 3.07
CA ALA A 56 -20.01 -2.22 2.63
C ALA A 56 -20.95 -3.44 2.65
N THR A 57 -20.34 -4.60 2.76
CA THR A 57 -21.03 -5.91 2.68
C THR A 57 -21.12 -6.64 4.01
N GLY A 58 -20.94 -5.85 5.06
CA GLY A 58 -21.17 -6.28 6.48
C GLY A 58 -20.05 -6.98 7.24
N ASP A 59 -18.82 -6.87 6.75
CA ASP A 59 -17.66 -7.74 7.25
C ASP A 59 -16.29 -7.12 7.54
N GLY A 60 -16.31 -5.82 7.68
CA GLY A 60 -15.03 -5.10 7.92
C GLY A 60 -14.75 -4.84 9.40
N PRO A 61 -13.75 -4.05 9.69
CA PRO A 61 -13.50 -3.55 11.03
C PRO A 61 -14.37 -2.33 11.27
N ASP A 62 -14.54 -1.95 12.53
CA ASP A 62 -15.13 -0.66 12.84
C ASP A 62 -14.23 0.53 12.47
N ILE A 63 -12.93 0.32 12.68
CA ILE A 63 -11.87 1.33 12.42
C ILE A 63 -10.77 0.72 11.54
N ILE A 64 -10.36 1.46 10.51
CA ILE A 64 -9.27 1.09 9.61
C ILE A 64 -8.15 2.15 9.75
N PHE A 65 -6.93 1.68 9.97
CA PHE A 65 -5.75 2.52 9.92
C PHE A 65 -4.97 2.25 8.62
N TRP A 66 -4.59 3.31 7.94
CA TRP A 66 -3.67 3.26 6.78
C TRP A 66 -3.18 4.65 6.54
N ALA A 67 -2.14 4.82 5.72
CA ALA A 67 -1.83 6.15 5.27
C ALA A 67 -3.03 6.71 4.49
N HIS A 68 -3.08 8.03 4.49
CA HIS A 68 -4.25 8.77 3.96
C HIS A 68 -4.47 8.60 2.49
N ASP A 69 -3.46 8.16 1.74
CA ASP A 69 -3.59 8.03 0.29
C ASP A 69 -4.70 7.08 -0.14
N ARG A 70 -4.97 6.08 0.67
CA ARG A 70 -6.04 5.09 0.35
C ARG A 70 -7.45 5.61 0.58
N PHE A 71 -7.61 6.68 1.34
CA PHE A 71 -8.92 7.03 1.90
C PHE A 71 -9.88 7.73 0.95
N GLY A 72 -9.39 8.44 -0.03
CA GLY A 72 -10.26 9.06 -1.03
C GLY A 72 -11.07 8.02 -1.80
N GLY A 73 -10.40 6.94 -2.16
CA GLY A 73 -11.13 5.85 -2.83
C GLY A 73 -12.21 5.26 -1.96
N TYR A 74 -11.89 5.07 -0.69
CA TYR A 74 -12.91 4.55 0.23
C TYR A 74 -14.10 5.51 0.36
N ALA A 75 -13.76 6.79 0.46
CA ALA A 75 -14.80 7.87 0.64
C ALA A 75 -15.68 7.95 -0.58
N GLN A 76 -15.09 7.90 -1.75
CA GLN A 76 -15.83 7.95 -3.04
CA GLN A 76 -15.83 7.98 -3.04
C GLN A 76 -16.87 6.84 -3.11
N SER A 77 -16.51 5.71 -2.56
CA SER A 77 -17.40 4.52 -2.50
C SER A 77 -18.41 4.51 -1.36
N GLY A 78 -18.35 5.54 -0.55
CA GLY A 78 -19.28 5.68 0.61
C GLY A 78 -18.99 4.82 1.81
N LEU A 79 -17.75 4.40 1.91
CA LEU A 79 -17.40 3.43 2.94
C LEU A 79 -17.07 4.00 4.33
N LEU A 80 -16.86 5.31 4.40
CA LEU A 80 -16.33 6.02 5.57
C LEU A 80 -17.33 6.95 6.19
N ALA A 81 -17.44 6.91 7.49
CA ALA A 81 -18.28 7.91 8.22
C ALA A 81 -17.59 9.29 8.13
N GLU A 82 -18.37 10.32 7.92
CA GLU A 82 -17.84 11.66 7.99
C GLU A 82 -17.44 11.96 9.46
N ILE A 83 -16.30 12.59 9.60
CA ILE A 83 -15.66 12.94 10.87
C ILE A 83 -15.98 14.42 11.06
N THR A 84 -16.57 14.74 12.18
CA THR A 84 -16.97 16.15 12.50
C THR A 84 -16.65 16.52 13.96
N PRO A 85 -15.38 16.52 14.33
CA PRO A 85 -15.03 16.80 15.71
C PRO A 85 -15.28 18.24 16.08
N ALA A 86 -15.45 18.47 17.37
CA ALA A 86 -15.56 19.82 17.88
C ALA A 86 -14.34 20.64 17.51
N ALA A 87 -14.51 21.93 17.36
CA ALA A 87 -13.39 22.82 17.07
C ALA A 87 -12.25 22.65 18.08
N ALA A 88 -12.57 22.48 19.36
CA ALA A 88 -11.54 22.38 20.41
C ALA A 88 -10.65 21.17 20.11
N PHE A 89 -11.25 20.09 19.66
CA PHE A 89 -10.50 18.86 19.31
C PHE A 89 -9.67 19.06 18.05
N GLN A 90 -10.30 19.63 17.04
CA GLN A 90 -9.61 19.93 15.81
C GLN A 90 -8.34 20.72 16.04
N ASP A 91 -8.43 21.69 16.93
CA ASP A 91 -7.32 22.58 17.29
C ASP A 91 -6.16 21.90 18.03
N LYS A 92 -6.39 20.68 18.46
CA LYS A 92 -5.33 19.88 19.12
C LYS A 92 -4.37 19.21 18.11
N LEU A 93 -4.75 19.19 16.84
CA LEU A 93 -3.96 18.52 15.77
C LEU A 93 -3.46 19.56 14.77
N TYR A 94 -2.32 19.29 14.15
CA TYR A 94 -1.76 20.22 13.14
C TYR A 94 -2.71 20.38 11.95
N PRO A 95 -2.95 21.62 11.47
CA PRO A 95 -3.84 21.84 10.34
C PRO A 95 -3.49 21.04 9.09
N PHE A 96 -2.19 20.87 8.84
CA PHE A 96 -1.84 20.19 7.57
C PHE A 96 -2.24 18.71 7.62
N THR A 97 -2.33 18.18 8.84
CA THR A 97 -2.74 16.77 8.96
C THR A 97 -4.24 16.58 8.68
N TRP A 98 -5.06 17.54 9.13
CA TRP A 98 -6.45 17.55 8.73
C TRP A 98 -6.63 17.71 7.21
N ASP A 99 -5.78 18.48 6.60
CA ASP A 99 -5.88 18.66 5.15
C ASP A 99 -5.71 17.33 4.41
N ALA A 100 -4.86 16.48 4.94
CA ALA A 100 -4.55 15.17 4.32
C ALA A 100 -5.77 14.22 4.29
N VAL A 101 -6.64 14.40 5.26
CA VAL A 101 -7.82 13.57 5.46
C VAL A 101 -9.14 14.28 5.09
N ARG A 102 -9.02 15.33 4.27
CA ARG A 102 -10.17 16.02 3.71
C ARG A 102 -10.37 15.56 2.27
N TYR A 103 -11.58 15.20 1.96
CA TYR A 103 -11.93 14.70 0.64
C TYR A 103 -13.30 15.30 0.27
N ASN A 104 -13.29 16.00 -0.83
CA ASN A 104 -14.53 16.64 -1.36
CA ASN A 104 -14.50 16.67 -1.39
C ASN A 104 -15.19 17.50 -0.28
N GLY A 105 -14.33 18.19 0.45
CA GLY A 105 -14.70 19.14 1.53
C GLY A 105 -15.04 18.57 2.90
N LYS A 106 -14.97 17.24 3.01
CA LYS A 106 -15.40 16.53 4.22
C LYS A 106 -14.18 15.83 4.83
N LEU A 107 -14.09 15.89 6.14
CA LEU A 107 -13.10 15.10 6.88
C LEU A 107 -13.57 13.66 6.91
N ILE A 108 -12.68 12.77 6.49
CA ILE A 108 -12.98 11.34 6.22
CA ILE A 108 -13.09 11.35 6.39
C ILE A 108 -12.23 10.37 7.16
N ALA A 109 -11.40 10.92 8.01
CA ALA A 109 -10.55 10.12 8.95
C ALA A 109 -9.93 11.06 9.99
N TYR A 110 -9.41 10.43 11.03
CA TYR A 110 -8.58 11.15 12.00
C TYR A 110 -7.12 11.00 11.67
N PRO A 111 -6.37 12.08 11.56
CA PRO A 111 -4.93 11.95 11.41
C PRO A 111 -4.25 11.55 12.69
N ILE A 112 -3.23 10.71 12.55
CA ILE A 112 -2.49 10.17 13.69
C ILE A 112 -1.03 10.60 13.68
N ALA A 113 -0.34 10.41 12.56
CA ALA A 113 1.11 10.66 12.52
C ALA A 113 1.58 10.87 11.11
N VAL A 114 2.64 11.63 10.99
CA VAL A 114 3.27 11.99 9.75
C VAL A 114 4.50 11.15 9.55
N GLU A 115 4.53 10.46 8.43
CA GLU A 115 5.58 9.54 8.05
C GLU A 115 6.31 9.97 6.80
N ALA A 116 7.63 9.97 6.90
CA ALA A 116 8.49 10.12 5.71
C ALA A 116 9.63 9.16 5.88
N LEU A 117 10.09 8.64 4.77
CA LEU A 117 11.33 7.86 4.69
C LEU A 117 12.54 8.73 4.95
N SER A 118 13.53 8.13 5.63
CA SER A 118 14.82 8.72 5.81
C SER A 118 15.91 7.70 5.42
N LEU A 119 17.11 8.24 5.32
CA LEU A 119 18.34 7.43 5.22
C LEU A 119 18.73 7.02 6.64
N ILE A 120 18.81 5.73 6.86
CA ILE A 120 19.23 5.18 8.12
C ILE A 120 20.62 4.57 7.88
N TYR A 121 21.58 4.96 8.69
CA TYR A 121 22.95 4.54 8.46
C TYR A 121 23.62 4.06 9.74
N ASN A 122 24.56 3.16 9.57
CA ASN A 122 25.32 2.56 10.67
C ASN A 122 26.53 3.44 10.96
N LYS A 123 26.51 4.06 12.13
CA LYS A 123 27.53 5.04 12.53
C LYS A 123 28.90 4.44 12.71
N ASP A 124 28.98 3.14 12.98
CA ASP A 124 30.30 2.49 13.13
C ASP A 124 30.94 2.24 11.76
N LEU A 125 30.13 1.90 10.79
CA LEU A 125 30.56 1.48 9.43
CA LEU A 125 30.55 1.50 9.42
C LEU A 125 30.79 2.68 8.53
N LEU A 126 29.96 3.68 8.75
CA LEU A 126 29.73 4.74 7.83
C LEU A 126 29.23 6.01 8.56
N PRO A 127 30.06 6.56 9.45
CA PRO A 127 29.64 7.74 10.18
C PRO A 127 29.53 9.00 9.32
N ASN A 128 30.04 8.99 8.11
CA ASN A 128 29.88 10.08 7.17
C ASN A 128 29.12 9.57 5.99
N PRO A 129 27.80 9.45 6.10
CA PRO A 129 26.97 8.95 5.03
C PRO A 129 26.97 9.86 3.80
N PRO A 130 26.79 9.26 2.63
CA PRO A 130 26.89 9.99 1.38
C PRO A 130 25.81 10.99 1.19
N LYS A 131 26.26 11.99 0.47
CA LYS A 131 25.47 13.16 0.12
C LYS A 131 24.60 12.90 -1.04
N THR A 132 25.13 12.12 -1.94
CA THR A 132 24.55 11.78 -3.25
C THR A 132 24.36 10.34 -3.39
N TRP A 133 23.34 10.02 -4.14
CA TRP A 133 23.11 8.67 -4.63
C TRP A 133 24.25 8.12 -5.49
N GLU A 134 24.70 8.95 -6.39
CA GLU A 134 25.54 8.42 -7.53
C GLU A 134 26.93 7.92 -7.12
N GLU A 135 27.48 8.41 -6.02
CA GLU A 135 28.62 7.80 -5.33
C GLU A 135 28.42 6.45 -4.58
N ILE A 136 27.19 6.13 -4.28
CA ILE A 136 26.91 4.86 -3.60
C ILE A 136 27.62 3.67 -4.31
N PRO A 137 27.68 3.60 -5.67
CA PRO A 137 28.32 2.40 -6.23
C PRO A 137 29.80 2.24 -5.88
N ALA A 138 30.51 3.32 -5.95
CA ALA A 138 31.93 3.29 -5.58
C ALA A 138 32.10 2.94 -4.11
N LEU A 139 31.17 3.42 -3.30
CA LEU A 139 31.15 3.20 -1.83
C LEU A 139 30.88 1.71 -1.47
N ASP A 140 29.95 1.17 -2.21
CA ASP A 140 29.68 -0.24 -2.14
C ASP A 140 30.93 -1.07 -2.46
N LYS A 141 31.71 -0.57 -3.40
CA LYS A 141 32.91 -1.30 -3.83
C LYS A 141 33.90 -1.41 -2.65
N GLU A 142 34.05 -0.29 -2.00
CA GLU A 142 34.93 -0.15 -0.82
C GLU A 142 34.45 -1.10 0.33
N LEU A 143 33.17 -1.02 0.61
CA LEU A 143 32.57 -1.84 1.67
C LEU A 143 32.61 -3.36 1.38
N LYS A 144 32.38 -3.72 0.14
CA LYS A 144 32.42 -5.14 -0.26
C LYS A 144 33.78 -5.76 -0.02
N ALA A 145 34.80 -4.95 -0.13
CA ALA A 145 36.21 -5.40 0.09
C ALA A 145 36.51 -5.62 1.56
N LYS A 146 35.54 -5.30 2.41
CA LYS A 146 35.62 -5.54 3.89
C LYS A 146 34.37 -6.22 4.43
N GLY A 147 33.72 -6.98 3.55
CA GLY A 147 32.62 -7.86 3.92
C GLY A 147 31.25 -7.25 4.13
N LYS A 148 31.08 -6.05 3.64
CA LYS A 148 29.86 -5.27 3.84
C LYS A 148 29.28 -4.85 2.50
N SER A 149 28.09 -4.27 2.54
CA SER A 149 27.51 -3.61 1.38
C SER A 149 27.16 -2.20 1.78
N ALA A 150 26.95 -1.35 0.78
CA ALA A 150 26.57 0.04 1.05
C ALA A 150 25.11 0.24 1.49
N LEU A 151 24.20 -0.37 0.76
CA LEU A 151 22.77 0.00 0.86
C LEU A 151 21.88 -1.16 0.53
N MET A 152 20.91 -1.41 1.40
CA MET A 152 19.81 -2.34 1.09
CA MET A 152 19.80 -2.34 1.11
C MET A 152 18.51 -1.73 1.54
N PHE A 153 17.52 -1.80 0.67
CA PHE A 153 16.17 -1.30 0.96
C PHE A 153 15.17 -2.11 0.15
N ASN A 154 13.91 -2.00 0.54
CA ASN A 154 12.82 -2.75 -0.08
C ASN A 154 12.54 -2.26 -1.49
N LEU A 155 13.01 -3.00 -2.46
CA LEU A 155 12.73 -2.75 -3.91
C LEU A 155 11.40 -3.22 -4.40
N GLN A 156 10.71 -3.98 -3.58
CA GLN A 156 9.43 -4.60 -3.99
C GLN A 156 8.21 -3.72 -3.77
N GLU A 157 8.38 -2.65 -3.01
CA GLU A 157 7.31 -1.66 -2.78
C GLU A 157 7.75 -0.31 -3.33
N PRO A 158 6.96 0.27 -4.25
CA PRO A 158 7.36 1.52 -4.91
C PRO A 158 7.51 2.73 -4.00
N TYR A 159 6.89 2.67 -2.84
CA TYR A 159 7.07 3.70 -1.80
C TYR A 159 8.55 4.02 -1.57
N PHE A 160 9.36 2.98 -1.57
CA PHE A 160 10.78 3.09 -1.16
C PHE A 160 11.71 3.61 -2.27
N THR A 161 11.29 3.43 -3.51
CA THR A 161 12.02 3.89 -4.72
CA THR A 161 12.02 3.90 -4.70
C THR A 161 11.53 5.25 -5.22
N TRP A 162 10.30 5.57 -4.89
CA TRP A 162 9.73 6.89 -5.29
C TRP A 162 10.59 8.10 -4.96
N PRO A 163 11.23 8.14 -3.78
CA PRO A 163 11.98 9.36 -3.52
C PRO A 163 13.07 9.66 -4.56
N LEU A 164 13.66 8.60 -5.04
CA LEU A 164 14.66 8.65 -6.13
C LEU A 164 14.03 9.01 -7.48
N ILE A 165 12.93 8.36 -7.82
CA ILE A 165 12.22 8.65 -9.09
C ILE A 165 11.77 10.09 -9.17
N ALA A 166 11.34 10.60 -8.03
CA ALA A 166 10.85 12.00 -7.91
C ALA A 166 11.95 13.07 -7.80
N ALA A 167 13.16 12.66 -7.44
CA ALA A 167 14.25 13.63 -7.11
C ALA A 167 14.46 14.67 -8.23
N ASP A 168 14.56 14.15 -9.44
CA ASP A 168 14.86 15.00 -10.62
C ASP A 168 13.66 15.28 -11.50
N GLY A 169 12.50 15.09 -10.89
CA GLY A 169 11.23 15.64 -11.46
C GLY A 169 10.03 14.77 -11.70
N GLY A 170 10.20 13.49 -11.45
CA GLY A 170 9.09 12.54 -11.57
C GLY A 170 7.94 13.03 -10.68
N TYR A 171 6.75 12.84 -11.18
CA TYR A 171 5.52 13.15 -10.39
C TYR A 171 4.43 12.14 -10.67
N ALA A 172 3.48 12.08 -9.77
CA ALA A 172 2.33 11.18 -9.87
C ALA A 172 1.29 11.80 -10.80
N PHE A 173 0.46 12.67 -10.26
CA PHE A 173 -0.55 13.43 -11.04
C PHE A 173 -0.28 14.92 -10.92
N LYS A 174 -0.44 15.62 -12.04
CA LYS A 174 -0.17 17.06 -12.04
C LYS A 174 -1.23 17.84 -11.23
N TYR A 175 -0.82 18.72 -10.37
CA TYR A 175 -1.78 19.52 -9.60
C TYR A 175 -2.02 20.92 -10.19
N ALA A 176 -3.24 21.25 -10.49
CA ALA A 176 -3.54 22.52 -11.14
C ALA A 176 -4.98 22.89 -11.01
N ALA A 177 -5.24 24.16 -10.78
CA ALA A 177 -6.59 24.68 -10.60
C ALA A 177 -7.38 24.03 -9.50
N GLY A 178 -6.75 23.80 -8.36
CA GLY A 178 -7.47 23.28 -7.21
C GLY A 178 -7.62 21.78 -7.19
N LYS A 179 -7.07 21.17 -8.19
CA LYS A 179 -7.15 19.72 -8.26
C LYS A 179 -6.05 18.99 -8.98
N TYR A 180 -6.04 17.71 -8.73
CA TYR A 180 -5.17 16.78 -9.45
C TYR A 180 -5.76 16.35 -10.79
N ASP A 181 -4.95 16.52 -11.82
CA ASP A 181 -5.31 16.06 -13.18
C ASP A 181 -4.96 14.58 -13.36
N ILE A 182 -6.00 13.77 -13.32
CA ILE A 182 -5.89 12.28 -13.29
C ILE A 182 -5.40 11.67 -14.60
N LYS A 183 -5.39 12.51 -15.63
CA LYS A 183 -4.86 12.09 -16.97
C LYS A 183 -3.47 12.62 -17.27
N ASP A 184 -2.97 13.40 -16.33
CA ASP A 184 -1.62 14.03 -16.44
C ASP A 184 -0.67 13.40 -15.44
N VAL A 185 -0.06 12.31 -15.89
CA VAL A 185 0.81 11.47 -15.04
C VAL A 185 2.30 11.66 -15.37
N GLY A 186 3.09 11.84 -14.33
CA GLY A 186 4.50 12.30 -14.48
C GLY A 186 5.60 11.27 -14.27
N VAL A 187 5.21 10.02 -14.40
CA VAL A 187 6.09 8.87 -14.08
C VAL A 187 7.05 8.56 -15.21
N ASP A 188 6.81 9.14 -16.36
CA ASP A 188 7.61 8.81 -17.56
C ASP A 188 8.38 10.01 -18.09
N ASN A 189 8.47 11.06 -17.27
CA ASN A 189 9.24 12.26 -17.66
C ASN A 189 10.74 11.95 -17.56
N ALA A 190 11.53 12.87 -18.05
CA ALA A 190 13.00 12.74 -18.05
C ALA A 190 13.59 12.40 -16.67
N GLY A 191 13.12 13.14 -15.69
CA GLY A 191 13.56 13.08 -14.27
C GLY A 191 13.33 11.71 -13.65
N ALA A 192 12.14 11.16 -13.94
CA ALA A 192 11.67 9.79 -13.52
C ALA A 192 12.43 8.62 -14.20
N LYS A 193 12.73 8.83 -15.45
CA LYS A 193 13.41 7.76 -16.22
C LYS A 193 14.82 7.64 -15.73
N ALA A 194 15.34 8.82 -15.47
CA ALA A 194 16.71 8.91 -14.94
C ALA A 194 16.87 8.20 -13.60
N GLY A 195 16.05 8.64 -12.66
CA GLY A 195 16.11 8.14 -11.26
C GLY A 195 16.05 6.62 -11.31
N LEU A 196 15.10 6.14 -12.06
CA LEU A 196 14.89 4.67 -12.25
C LEU A 196 16.13 4.04 -12.93
N THR A 197 16.53 4.60 -14.04
CA THR A 197 17.78 4.16 -14.69
C THR A 197 18.93 3.99 -13.72
N PHE A 198 19.05 4.95 -12.84
CA PHE A 198 20.13 4.95 -11.83
C PHE A 198 20.07 3.73 -10.92
N LEU A 199 18.88 3.47 -10.44
CA LEU A 199 18.65 2.30 -9.59
C LEU A 199 19.03 1.05 -10.37
N VAL A 200 18.61 1.05 -11.61
CA VAL A 200 18.80 -0.14 -12.52
C VAL A 200 20.29 -0.41 -12.76
N ASP A 201 21.03 0.66 -12.85
CA ASP A 201 22.49 0.59 -13.05
C ASP A 201 23.14 0.11 -11.76
N LEU A 202 22.54 0.47 -10.64
CA LEU A 202 23.09 0.06 -9.32
C LEU A 202 23.05 -1.46 -9.26
N ILE A 203 21.95 -1.97 -9.76
CA ILE A 203 21.66 -3.41 -9.79
C ILE A 203 22.65 -4.13 -10.78
N LYS A 204 22.64 -3.68 -12.02
CA LYS A 204 23.38 -4.33 -13.13
C LYS A 204 24.87 -4.42 -12.74
N ASN A 205 25.27 -3.44 -11.99
CA ASN A 205 26.66 -3.31 -11.44
C ASN A 205 26.94 -3.97 -10.08
N LYS A 206 25.95 -4.74 -9.71
CA LYS A 206 25.99 -5.65 -8.54
C LYS A 206 26.17 -4.92 -7.21
N HIS A 207 25.60 -3.72 -7.13
CA HIS A 207 25.57 -2.97 -5.85
C HIS A 207 24.33 -3.24 -5.03
N MET A 208 23.24 -3.36 -5.72
CA MET A 208 22.00 -3.94 -5.16
CA MET A 208 21.91 -3.79 -5.16
CA MET A 208 22.03 -3.99 -5.13
C MET A 208 21.52 -5.14 -5.89
N ASN A 209 20.67 -5.88 -5.24
CA ASN A 209 20.02 -7.08 -5.80
CA ASN A 209 20.03 -7.07 -5.79
C ASN A 209 18.55 -6.78 -6.06
N ALA A 210 18.10 -7.09 -7.27
CA ALA A 210 16.70 -6.78 -7.71
C ALA A 210 15.65 -7.42 -6.81
N ASP A 211 16.03 -8.49 -6.16
CA ASP A 211 15.12 -9.28 -5.28
CA ASP A 211 15.15 -9.29 -5.28
C ASP A 211 15.04 -8.77 -3.84
N THR A 212 15.81 -7.76 -3.52
CA THR A 212 15.81 -7.24 -2.14
C THR A 212 14.40 -6.80 -1.73
N ASP A 213 13.94 -7.30 -0.60
CA ASP A 213 12.63 -7.01 -0.01
C ASP A 213 12.79 -6.39 1.38
N TYR A 214 11.68 -6.18 2.06
CA TYR A 214 11.70 -5.54 3.38
C TYR A 214 12.54 -6.33 4.37
N SER A 215 12.26 -7.64 4.39
CA SER A 215 12.92 -8.49 5.40
C SER A 215 14.42 -8.66 5.14
N ILE A 216 14.80 -8.84 3.88
CA ILE A 216 16.23 -8.96 3.54
C ILE A 216 16.92 -7.68 4.01
N ALA A 217 16.35 -6.52 3.68
CA ALA A 217 17.01 -5.27 3.99
C ALA A 217 17.11 -5.02 5.51
N GLU A 218 16.01 -5.30 6.21
CA GLU A 218 15.96 -5.14 7.64
C GLU A 218 17.02 -6.02 8.32
N ALA A 219 17.04 -7.28 7.95
CA ALA A 219 18.03 -8.21 8.51
C ALA A 219 19.48 -7.76 8.25
N ALA A 220 19.72 -7.33 7.04
CA ALA A 220 21.08 -6.96 6.64
C ALA A 220 21.52 -5.74 7.46
N PHE A 221 20.65 -4.74 7.60
CA PHE A 221 21.00 -3.55 8.36
C PHE A 221 21.18 -3.89 9.85
N ASN A 222 20.22 -4.61 10.37
CA ASN A 222 20.15 -4.82 11.81
C ASN A 222 21.30 -5.76 12.29
N LYS A 223 21.77 -6.61 11.39
CA LYS A 223 22.92 -7.50 11.64
C LYS A 223 24.26 -6.83 11.38
N GLY A 224 24.26 -5.58 10.93
CA GLY A 224 25.50 -4.86 10.68
C GLY A 224 26.21 -5.19 9.37
N GLU A 225 25.49 -5.79 8.45
CA GLU A 225 26.04 -6.25 7.15
C GLU A 225 26.01 -5.17 6.07
N THR A 226 25.07 -4.26 6.14
CA THR A 226 24.89 -3.17 5.17
C THR A 226 24.97 -1.85 5.92
N ALA A 227 25.63 -0.88 5.30
CA ALA A 227 25.86 0.38 5.94
C ALA A 227 24.64 1.30 6.06
N MET A 228 23.70 1.11 5.14
CA MET A 228 22.53 2.02 4.99
C MET A 228 21.31 1.23 4.61
N THR A 229 20.20 1.80 5.03
CA THR A 229 18.89 1.36 4.61
C THR A 229 18.00 2.61 4.43
N ILE A 230 16.87 2.43 3.79
CA ILE A 230 15.85 3.47 3.62
C ILE A 230 14.58 2.93 4.27
N ASN A 231 14.10 3.63 5.28
CA ASN A 231 12.96 3.11 6.04
C ASN A 231 12.34 4.26 6.86
N GLY A 232 11.18 3.96 7.41
CA GLY A 232 10.42 4.91 8.19
C GLY A 232 10.54 4.69 9.68
N PRO A 233 9.87 5.53 10.48
CA PRO A 233 10.04 5.51 11.95
C PRO A 233 9.66 4.19 12.59
N TRP A 234 8.70 3.48 12.01
CA TRP A 234 8.28 2.20 12.55
C TRP A 234 9.41 1.20 12.70
N ALA A 235 10.43 1.37 11.88
CA ALA A 235 11.62 0.45 11.80
C ALA A 235 12.58 0.65 12.94
N TRP A 236 12.50 1.77 13.64
CA TRP A 236 13.54 2.13 14.63
C TRP A 236 13.61 1.19 15.81
N SER A 237 12.48 0.61 16.20
CA SER A 237 12.38 -0.30 17.38
CA SER A 237 12.41 -0.27 17.38
C SER A 237 13.26 -1.51 17.18
N ASN A 238 13.14 -2.12 16.01
CA ASN A 238 13.92 -3.35 15.76
C ASN A 238 15.43 -3.01 15.68
N ILE A 239 15.77 -1.84 15.16
CA ILE A 239 17.15 -1.43 15.15
C ILE A 239 17.68 -1.27 16.58
N ASP A 240 16.84 -0.69 17.43
CA ASP A 240 17.24 -0.52 18.85
C ASP A 240 17.52 -1.88 19.52
N THR A 241 16.72 -2.87 19.16
CA THR A 241 16.89 -4.25 19.69
C THR A 241 18.23 -4.86 19.27
N SER A 242 18.66 -4.49 18.08
CA SER A 242 19.91 -4.97 17.51
C SER A 242 21.10 -4.35 18.24
N ALA A 243 22.30 -4.76 17.86
CA ALA A 243 23.49 -4.10 18.46
C ALA A 243 23.93 -2.74 17.81
N VAL A 244 23.20 -2.30 16.81
CA VAL A 244 23.69 -1.25 15.89
C VAL A 244 23.57 0.17 16.43
N ASN A 245 24.61 0.94 16.23
CA ASN A 245 24.63 2.42 16.46
C ASN A 245 24.28 3.05 15.13
N TYR A 246 23.13 3.68 15.10
CA TYR A 246 22.58 4.19 13.86
C TYR A 246 22.23 5.65 13.98
N GLY A 247 22.19 6.25 12.82
CA GLY A 247 21.69 7.62 12.64
C GLY A 247 20.57 7.61 11.62
N VAL A 248 19.78 8.65 11.67
CA VAL A 248 18.67 8.87 10.77
C VAL A 248 18.93 10.25 10.18
N THR A 249 18.99 10.33 8.88
CA THR A 249 19.41 11.57 8.19
C THR A 249 18.66 11.80 6.89
N VAL A 250 18.94 12.95 6.32
CA VAL A 250 18.45 13.35 4.99
CA VAL A 250 18.43 13.34 5.01
C VAL A 250 18.83 12.30 3.96
N LEU A 251 17.89 12.00 3.08
CA LEU A 251 18.12 11.08 1.95
C LEU A 251 19.19 11.70 1.04
N PRO A 252 19.93 10.87 0.31
CA PRO A 252 20.90 11.43 -0.63
C PRO A 252 20.20 12.22 -1.75
N THR A 253 20.96 13.15 -2.30
CA THR A 253 20.51 13.84 -3.53
C THR A 253 20.75 13.04 -4.76
N PHE A 254 20.10 13.48 -5.77
CA PHE A 254 20.25 12.91 -7.07
C PHE A 254 20.25 14.09 -8.04
N LYS A 255 21.29 14.16 -8.86
CA LYS A 255 21.44 15.30 -9.79
C LYS A 255 21.34 16.62 -9.01
N GLY A 256 21.94 16.62 -7.85
CA GLY A 256 21.92 17.75 -6.92
C GLY A 256 20.59 18.13 -6.35
N GLN A 257 19.55 17.34 -6.64
CA GLN A 257 18.21 17.62 -6.10
C GLN A 257 17.94 16.73 -4.91
N PRO A 258 17.23 17.27 -3.88
CA PRO A 258 16.81 16.38 -2.80
C PRO A 258 16.02 15.21 -3.37
N SER A 259 16.17 14.05 -2.73
CA SER A 259 15.17 12.98 -2.88
C SER A 259 13.84 13.51 -2.27
N LYS A 260 12.75 13.08 -2.90
CA LYS A 260 11.43 13.67 -2.63
C LYS A 260 10.40 12.58 -2.26
N PRO A 261 10.46 12.12 -1.00
CA PRO A 261 9.58 11.04 -0.62
C PRO A 261 8.13 11.48 -0.69
N PHE A 262 7.26 10.54 -1.00
CA PHE A 262 5.82 10.73 -0.80
C PHE A 262 5.54 10.51 0.68
N VAL A 263 4.93 11.52 1.27
CA VAL A 263 4.69 11.62 2.73
C VAL A 263 3.29 11.14 3.03
N GLY A 264 3.21 10.20 3.96
CA GLY A 264 1.94 9.64 4.40
C GLY A 264 1.54 10.13 5.76
N VAL A 265 0.24 10.33 5.94
CA VAL A 265 -0.33 10.62 7.26
C VAL A 265 -1.06 9.37 7.67
N LEU A 266 -0.52 8.63 8.63
CA LEU A 266 -1.25 7.48 9.20
C LEU A 266 -2.54 8.00 9.73
N SER A 267 -3.65 7.42 9.30
CA SER A 267 -5.01 7.91 9.54
C SER A 267 -5.91 6.77 9.98
N ALA A 268 -6.95 7.12 10.73
CA ALA A 268 -7.94 6.18 11.27
C ALA A 268 -9.30 6.58 10.77
N GLY A 269 -9.88 5.76 9.91
CA GLY A 269 -11.25 5.94 9.40
C GLY A 269 -12.21 5.05 10.13
N ILE A 270 -13.47 5.54 10.17
CA ILE A 270 -14.56 4.79 10.75
C ILE A 270 -15.46 4.26 9.64
N ASN A 271 -15.69 2.98 9.73
CA ASN A 271 -16.57 2.27 8.78
C ASN A 271 -17.98 2.83 8.85
N ALA A 272 -18.46 3.32 7.71
CA ALA A 272 -19.81 3.93 7.61
C ALA A 272 -20.92 2.98 8.05
N ALA A 273 -20.65 1.69 7.89
CA ALA A 273 -21.60 0.59 8.20
C ALA A 273 -21.44 0.02 9.61
N SER A 274 -20.51 0.61 10.35
CA SER A 274 -20.32 0.18 11.76
C SER A 274 -21.57 0.51 12.62
N PRO A 275 -22.00 -0.40 13.50
CA PRO A 275 -23.05 -0.05 14.41
C PRO A 275 -22.51 0.57 15.67
N ASN A 276 -21.22 0.81 15.63
CA ASN A 276 -20.45 1.35 16.77
C ASN A 276 -19.71 2.67 16.50
N LYS A 277 -20.27 3.49 15.62
CA LYS A 277 -19.59 4.72 15.20
C LYS A 277 -19.25 5.63 16.33
N GLU A 278 -20.20 5.79 17.24
CA GLU A 278 -19.98 6.68 18.40
C GLU A 278 -18.87 6.18 19.35
N LEU A 279 -18.88 4.88 19.62
CA LEU A 279 -17.81 4.23 20.42
C LEU A 279 -16.45 4.39 19.76
N ALA A 280 -16.44 4.21 18.44
CA ALA A 280 -15.20 4.37 17.65
C ALA A 280 -14.65 5.79 17.78
N LYS A 281 -15.53 6.75 17.68
CA LYS A 281 -15.14 8.16 17.83
C LYS A 281 -14.59 8.45 19.24
N GLU A 282 -15.24 7.89 20.24
CA GLU A 282 -14.81 8.05 21.64
C GLU A 282 -13.42 7.44 21.84
N PHE A 283 -13.25 6.26 21.32
CA PHE A 283 -11.95 5.58 21.40
C PHE A 283 -10.84 6.46 20.79
N LEU A 284 -11.08 6.90 19.57
CA LEU A 284 -10.08 7.66 18.81
C LEU A 284 -9.80 9.02 19.42
N GLU A 285 -10.83 9.77 19.76
CA GLU A 285 -10.70 11.14 20.27
C GLU A 285 -10.25 11.20 21.74
N ASN A 286 -10.73 10.24 22.55
CA ASN A 286 -10.62 10.34 24.01
C ASN A 286 -9.57 9.42 24.60
N TYR A 287 -9.16 8.42 23.85
CA TYR A 287 -8.18 7.42 24.33
C TYR A 287 -6.90 7.45 23.46
N LEU A 288 -7.03 7.27 22.15
CA LEU A 288 -5.84 7.23 21.29
C LEU A 288 -5.17 8.56 21.09
N LEU A 289 -5.96 9.56 20.72
CA LEU A 289 -5.43 10.92 20.40
C LEU A 289 -5.24 11.77 21.65
N THR A 290 -4.48 11.18 22.53
CA THR A 290 -4.05 11.76 23.83
C THR A 290 -2.55 11.51 23.95
N ASP A 291 -1.91 12.24 24.83
CA ASP A 291 -0.46 12.01 25.06
C ASP A 291 -0.21 10.57 25.44
N GLU A 292 -1.02 10.09 26.35
CA GLU A 292 -0.85 8.73 26.89
C GLU A 292 -1.10 7.66 25.84
N GLY A 293 -2.12 7.87 25.05
CA GLY A 293 -2.51 6.88 24.05
C GLY A 293 -1.44 6.78 22.95
N LEU A 294 -1.01 7.91 22.45
CA LEU A 294 0.02 7.91 21.38
C LEU A 294 1.33 7.39 21.94
N GLU A 295 1.65 7.72 23.19
CA GLU A 295 2.85 7.17 23.80
C GLU A 295 2.84 5.66 23.81
N ALA A 296 1.71 5.08 24.16
CA ALA A 296 1.60 3.60 24.22
C ALA A 296 1.88 2.95 22.84
N VAL A 297 1.39 3.59 21.79
CA VAL A 297 1.60 3.04 20.42
C VAL A 297 3.09 3.27 20.05
N ASN A 298 3.57 4.47 20.30
CA ASN A 298 4.94 4.90 19.95
C ASN A 298 6.04 4.06 20.62
N LYS A 299 5.76 3.65 21.84
CA LYS A 299 6.70 2.81 22.60
C LYS A 299 6.84 1.43 21.98
N ASP A 300 5.80 1.01 21.31
CA ASP A 300 5.82 -0.27 20.56
C ASP A 300 6.63 -0.12 19.27
N LYS A 301 6.08 0.64 18.34
CA LYS A 301 6.80 1.08 17.12
CA LYS A 301 6.80 1.08 17.12
C LYS A 301 6.66 2.60 16.94
N PRO A 302 7.77 3.33 16.78
CA PRO A 302 7.61 4.77 16.65
C PRO A 302 6.72 5.17 15.52
N LEU A 303 5.86 6.13 15.81
CA LEU A 303 4.88 6.68 14.88
C LEU A 303 5.42 7.68 13.86
N GLY A 304 6.51 8.32 14.19
CA GLY A 304 6.94 9.52 13.42
C GLY A 304 6.51 10.79 14.13
N ALA A 305 6.24 11.82 13.34
CA ALA A 305 5.88 13.12 13.84
C ALA A 305 4.37 13.14 14.05
N VAL A 306 3.94 13.03 15.25
CA VAL A 306 2.51 12.80 15.50
C VAL A 306 1.71 14.06 15.19
N ALA A 307 0.43 13.82 14.91
CA ALA A 307 -0.51 14.90 14.54
C ALA A 307 -0.91 15.76 15.75
N LEU A 308 -0.85 15.16 16.92
CA LEU A 308 -1.26 15.76 18.22
C LEU A 308 -0.13 16.68 18.69
N LYS A 309 -0.42 17.98 18.70
CA LYS A 309 0.58 19.03 18.94
C LYS A 309 1.27 18.84 20.29
N SER A 310 0.49 18.48 21.29
CA SER A 310 1.03 18.43 22.71
C SER A 310 2.14 17.35 22.82
N TYR A 311 1.93 16.27 22.11
CA TYR A 311 2.88 15.14 22.13
C TYR A 311 4.02 15.38 21.16
N GLU A 312 3.70 15.96 20.02
CA GLU A 312 4.73 16.25 18.99
C GLU A 312 5.78 17.22 19.50
N GLU A 313 5.36 18.12 20.36
CA GLU A 313 6.28 19.12 20.91
C GLU A 313 7.41 18.42 21.68
N GLU A 314 7.04 17.32 22.30
CA GLU A 314 8.03 16.48 23.00
C GLU A 314 8.93 15.67 22.02
N LEU A 315 8.28 15.02 21.09
CA LEU A 315 9.00 14.16 20.10
C LEU A 315 10.00 14.96 19.22
N ALA A 316 9.66 16.20 18.95
CA ALA A 316 10.34 17.08 17.97
C ALA A 316 11.84 17.31 18.27
N LYS A 317 12.12 17.15 19.55
CA LYS A 317 13.49 17.22 20.16
C LYS A 317 14.43 16.10 19.69
N ASP A 318 13.82 14.99 19.34
CA ASP A 318 14.51 13.73 18.88
C ASP A 318 15.12 14.00 17.49
N PRO A 319 16.45 13.85 17.32
CA PRO A 319 17.05 14.10 16.02
C PRO A 319 16.49 13.20 14.92
N ARG A 320 16.00 12.04 15.31
CA ARG A 320 15.41 11.10 14.30
C ARG A 320 14.12 11.66 13.71
N ILE A 321 13.39 12.36 14.54
CA ILE A 321 12.13 13.02 14.19
CA ILE A 321 12.11 13.03 14.19
C ILE A 321 12.43 14.27 13.38
N ALA A 322 13.45 15.00 13.81
CA ALA A 322 13.87 16.16 13.05
C ALA A 322 14.24 15.76 11.62
N ALA A 323 14.98 14.68 11.49
CA ALA A 323 15.36 14.14 10.16
C ALA A 323 14.12 13.70 9.34
N THR A 324 13.18 13.04 10.01
CA THR A 324 11.94 12.62 9.38
C THR A 324 11.24 13.84 8.76
N MET A 325 11.17 14.90 9.55
CA MET A 325 10.47 16.14 9.17
CA MET A 325 10.47 16.15 9.15
C MET A 325 11.22 16.85 8.04
N GLU A 326 12.53 16.80 8.10
CA GLU A 326 13.34 17.36 7.02
C GLU A 326 13.09 16.70 5.64
N ASN A 327 13.09 15.36 5.68
CA ASN A 327 12.83 14.57 4.46
C ASN A 327 11.37 14.82 4.00
N ALA A 328 10.46 14.96 4.95
CA ALA A 328 9.04 15.23 4.63
C ALA A 328 8.88 16.54 3.88
N GLN A 329 9.62 17.55 4.36
CA GLN A 329 9.52 18.90 3.79
C GLN A 329 10.12 18.99 2.39
N LYS A 330 11.05 18.09 2.13
CA LYS A 330 11.68 17.93 0.79
C LYS A 330 10.83 17.13 -0.20
N GLY A 331 9.85 16.40 0.32
CA GLY A 331 8.94 15.62 -0.51
C GLY A 331 7.57 16.28 -0.61
N GLU A 332 6.57 15.45 -0.76
CA GLU A 332 5.21 15.93 -0.96
C GLU A 332 4.23 15.08 -0.23
N ILE A 333 3.23 15.70 0.37
CA ILE A 333 2.13 14.96 0.96
C ILE A 333 1.38 14.25 -0.16
N MET A 334 1.15 12.95 0.00
CA MET A 334 0.47 12.19 -1.04
C MET A 334 -0.93 12.80 -1.33
N PRO A 335 -1.39 12.76 -2.59
CA PRO A 335 -2.81 12.91 -2.83
C PRO A 335 -3.57 11.82 -2.07
N ASN A 336 -4.84 12.10 -1.83
CA ASN A 336 -5.77 11.07 -1.33
C ASN A 336 -6.81 10.57 -2.37
N ILE A 337 -6.62 11.00 -3.63
CA ILE A 337 -7.63 10.76 -4.68
C ILE A 337 -7.76 9.26 -4.95
N PRO A 338 -8.91 8.83 -5.47
CA PRO A 338 -9.14 7.39 -5.71
C PRO A 338 -8.10 6.70 -6.61
N GLN A 339 -7.55 7.51 -7.50
CA GLN A 339 -6.60 7.03 -8.52
C GLN A 339 -5.21 6.70 -7.95
N MET A 340 -4.97 7.02 -6.68
CA MET A 340 -3.65 6.72 -6.05
C MET A 340 -3.32 5.25 -6.10
N SER A 341 -4.30 4.38 -5.90
CA SER A 341 -3.91 2.95 -5.90
C SER A 341 -3.44 2.53 -7.30
N ALA A 342 -4.11 3.02 -8.33
CA ALA A 342 -3.75 2.72 -9.73
C ALA A 342 -2.32 3.20 -10.00
N PHE A 343 -2.01 4.36 -9.49
CA PHE A 343 -0.68 4.93 -9.61
C PHE A 343 0.35 3.99 -8.98
N TRP A 344 0.07 3.59 -7.75
CA TRP A 344 1.04 2.73 -7.04
C TRP A 344 1.24 1.38 -7.69
N TYR A 345 0.14 0.76 -8.08
CA TYR A 345 0.18 -0.57 -8.74
C TYR A 345 1.05 -0.48 -10.01
N ALA A 346 0.86 0.62 -10.72
CA ALA A 346 1.57 0.82 -11.96
C ALA A 346 3.08 1.00 -11.73
N VAL A 347 3.43 1.85 -10.79
CA VAL A 347 4.85 2.11 -10.47
C VAL A 347 5.50 0.86 -9.89
N ARG A 348 4.77 0.11 -9.09
CA ARG A 348 5.28 -1.12 -8.53
C ARG A 348 5.76 -2.07 -9.63
N THR A 349 4.89 -2.30 -10.61
CA THR A 349 5.18 -3.17 -11.75
C THR A 349 6.37 -2.62 -12.55
N ALA A 350 6.41 -1.30 -12.76
CA ALA A 350 7.52 -0.67 -13.58
C ALA A 350 8.92 -0.83 -12.89
N VAL A 351 8.97 -0.67 -11.59
CA VAL A 351 10.24 -0.77 -10.81
C VAL A 351 10.74 -2.21 -10.82
N ILE A 352 9.83 -3.12 -10.53
CA ILE A 352 10.15 -4.55 -10.41
C ILE A 352 10.63 -5.02 -11.80
N ASN A 353 9.86 -4.68 -12.83
CA ASN A 353 10.09 -5.23 -14.22
C ASN A 353 11.42 -4.78 -14.74
N ALA A 354 11.72 -3.53 -14.39
CA ALA A 354 12.96 -2.84 -14.85
C ALA A 354 14.16 -3.31 -14.06
N ALA A 355 13.95 -3.45 -12.77
CA ALA A 355 15.05 -3.80 -11.83
C ALA A 355 15.59 -5.16 -12.17
N SER A 356 14.67 -5.97 -12.59
CA SER A 356 14.95 -7.35 -12.97
C SER A 356 15.42 -7.53 -14.39
N GLY A 357 15.35 -6.46 -15.15
CA GLY A 357 15.66 -6.50 -16.60
C GLY A 357 14.70 -7.30 -17.48
N ARG A 358 13.45 -7.36 -17.05
CA ARG A 358 12.30 -7.92 -17.85
C ARG A 358 11.70 -6.91 -18.86
N GLN A 359 12.04 -5.65 -18.62
CA GLN A 359 11.84 -4.47 -19.55
C GLN A 359 12.84 -3.35 -19.32
N THR A 360 13.03 -2.55 -20.37
CA THR A 360 13.81 -1.27 -20.32
C THR A 360 13.16 -0.20 -19.44
N VAL A 361 13.95 0.69 -18.88
CA VAL A 361 13.40 1.85 -18.11
C VAL A 361 12.44 2.70 -18.95
N ASP A 362 12.88 3.06 -20.14
CA ASP A 362 11.99 3.82 -21.06
C ASP A 362 10.63 3.14 -21.23
N ALA A 363 10.66 1.85 -21.42
CA ALA A 363 9.43 1.05 -21.64
C ALA A 363 8.51 0.83 -20.45
N ALA A 364 9.20 0.55 -19.38
CA ALA A 364 8.58 0.27 -18.07
C ALA A 364 7.72 1.46 -17.65
N LEU A 365 8.36 2.61 -17.73
CA LEU A 365 7.79 3.92 -17.28
C LEU A 365 6.76 4.50 -18.25
N ALA A 366 6.95 4.21 -19.51
CA ALA A 366 5.93 4.55 -20.54
C ALA A 366 4.60 3.82 -20.24
N ALA A 367 4.74 2.52 -20.04
CA ALA A 367 3.60 1.65 -19.63
C ALA A 367 2.90 2.03 -18.27
N ALA A 368 3.71 2.32 -17.26
CA ALA A 368 3.18 2.80 -15.95
C ALA A 368 2.29 4.01 -16.14
N GLN A 369 2.73 4.88 -17.00
CA GLN A 369 1.99 6.10 -17.35
C GLN A 369 0.58 5.76 -17.88
N THR A 370 0.54 4.85 -18.83
CA THR A 370 -0.76 4.39 -19.40
C THR A 370 -1.68 3.80 -18.34
N ASN A 371 -1.10 2.93 -17.54
CA ASN A 371 -1.90 2.18 -16.57
C ASN A 371 -2.35 3.06 -15.43
N ALA A 372 -1.51 3.99 -15.04
CA ALA A 372 -1.86 4.92 -13.95
C ALA A 372 -3.03 5.84 -14.35
N ALA A 373 -3.03 6.20 -15.62
CA ALA A 373 -4.06 7.09 -16.18
C ALA A 373 -5.35 6.39 -16.68
N ALA A 374 -5.32 5.07 -16.66
CA ALA A 374 -6.44 4.23 -17.18
C ALA A 374 -7.76 4.47 -16.45
N ASN A 375 -8.85 4.38 -17.20
CA ASN A 375 -10.20 4.35 -16.60
C ASN A 375 -10.43 3.05 -15.89
N THR A 376 -11.31 3.13 -14.92
CA THR A 376 -11.70 1.95 -14.13
C THR A 376 -12.68 1.06 -14.90
N PRO A 377 -12.63 -0.24 -14.68
CA PRO A 377 -13.66 -1.07 -15.27
C PRO A 377 -15.04 -0.70 -14.79
N SER A 378 -15.96 -0.79 -15.70
CA SER A 378 -17.41 -0.51 -15.47
C SER A 378 -18.19 -1.81 -15.40
N PRO A 379 -19.04 -1.97 -14.37
CA PRO A 379 -19.84 -3.19 -14.33
C PRO A 379 -20.84 -3.22 -15.46
N ASP A 380 -21.25 -2.03 -15.85
CA ASP A 380 -22.33 -1.87 -16.85
C ASP A 380 -21.94 -2.26 -18.24
N LEU A 381 -20.63 -2.25 -18.56
CA LEU A 381 -20.11 -2.53 -19.93
CA LEU A 381 -20.08 -2.50 -19.94
C LEU A 381 -19.17 -3.76 -20.08
N THR A 382 -18.81 -4.34 -18.97
CA THR A 382 -18.00 -5.55 -18.91
C THR A 382 -18.91 -6.74 -19.22
N VAL A 383 -18.34 -7.64 -19.98
CA VAL A 383 -18.97 -8.86 -20.53
C VAL A 383 -18.41 -10.11 -19.79
N MET A 384 -19.24 -11.08 -19.45
CA MET A 384 -18.77 -12.42 -18.95
C MET A 384 -19.79 -13.45 -19.40
N SER A 385 -19.33 -14.48 -20.08
CA SER A 385 -20.23 -15.58 -20.49
C SER A 385 -19.46 -16.86 -20.52
N ILE A 386 -20.19 -17.94 -20.46
CA ILE A 386 -19.65 -19.31 -20.65
C ILE A 386 -20.43 -20.02 -21.73
N ASP A 387 -19.70 -20.79 -22.53
CA ASP A 387 -20.30 -21.37 -23.74
C ASP A 387 -21.23 -22.55 -23.49
N LYS A 388 -21.09 -23.14 -22.32
CA LYS A 388 -21.86 -24.30 -21.91
C LYS A 388 -22.10 -24.20 -20.42
N SER A 389 -23.35 -24.40 -20.05
CA SER A 389 -23.78 -24.36 -18.62
CA SER A 389 -23.79 -24.36 -18.63
C SER A 389 -24.08 -25.73 -18.00
N VAL A 390 -24.04 -26.76 -18.83
CA VAL A 390 -24.13 -28.15 -18.39
C VAL A 390 -23.01 -28.91 -19.08
N LEU A 391 -22.30 -29.74 -18.33
CA LEU A 391 -21.18 -30.58 -18.87
C LEU A 391 -21.39 -32.05 -18.50
N SER A 392 -21.04 -32.90 -19.45
CA SER A 392 -20.88 -34.34 -19.23
C SER A 392 -19.36 -34.66 -19.06
N PRO A 393 -19.02 -35.83 -18.50
CA PRO A 393 -17.60 -36.07 -18.28
C PRO A 393 -16.85 -36.05 -19.60
N GLY A 394 -15.72 -35.39 -19.56
CA GLY A 394 -14.80 -35.24 -20.71
C GLY A 394 -15.11 -33.98 -21.54
N GLU A 395 -16.21 -33.28 -21.22
CA GLU A 395 -16.59 -32.01 -21.89
C GLU A 395 -15.92 -30.84 -21.17
N SER A 396 -15.68 -29.80 -21.95
CA SER A 396 -15.09 -28.55 -21.49
CA SER A 396 -15.08 -28.54 -21.48
C SER A 396 -15.96 -27.37 -21.83
N ALA A 397 -15.94 -26.38 -20.96
CA ALA A 397 -16.62 -25.10 -21.15
C ALA A 397 -15.56 -24.01 -21.05
N THR A 398 -15.74 -22.96 -21.80
CA THR A 398 -14.83 -21.83 -21.81
C THR A 398 -15.58 -20.56 -21.42
N ILE A 399 -15.02 -19.88 -20.43
CA ILE A 399 -15.43 -18.56 -20.03
C ILE A 399 -14.73 -17.54 -20.89
N THR A 400 -15.45 -16.58 -21.42
CA THR A 400 -14.89 -15.40 -22.09
C THR A 400 -15.33 -14.17 -21.36
N THR A 401 -14.40 -13.33 -20.98
CA THR A 401 -14.73 -12.06 -20.41
C THR A 401 -13.99 -10.94 -21.14
N ILE A 402 -14.67 -9.82 -21.28
CA ILE A 402 -14.13 -8.63 -21.93
C ILE A 402 -14.40 -7.44 -20.98
N VAL A 403 -13.34 -6.84 -20.51
CA VAL A 403 -13.43 -5.79 -19.49
C VAL A 403 -13.34 -4.44 -20.16
N LYS A 404 -14.34 -3.61 -19.86
CA LYS A 404 -14.53 -2.26 -20.47
C LYS A 404 -14.85 -1.23 -19.42
N ASP A 405 -14.45 0.00 -19.76
CA ASP A 405 -14.77 1.18 -18.94
C ASP A 405 -16.14 1.76 -19.25
N ILE A 406 -16.47 2.85 -18.56
CA ILE A 406 -17.84 3.49 -18.63
C ILE A 406 -18.26 3.89 -20.05
N ASP A 407 -17.24 4.18 -20.83
CA ASP A 407 -17.35 4.62 -22.26
C ASP A 407 -17.39 3.48 -23.28
N GLY A 408 -17.29 2.28 -22.76
CA GLY A 408 -17.23 1.06 -23.59
C GLY A 408 -15.85 0.74 -24.16
N ASN A 409 -14.83 1.40 -23.66
CA ASN A 409 -13.47 1.13 -24.13
C ASN A 409 -12.75 0.02 -23.33
N PRO A 410 -12.04 -0.91 -23.99
CA PRO A 410 -11.38 -1.94 -23.19
C PRO A 410 -10.36 -1.40 -22.22
N VAL A 411 -10.26 -2.13 -21.13
CA VAL A 411 -9.26 -1.83 -20.10
C VAL A 411 -8.19 -2.88 -20.25
N ASN A 412 -7.00 -2.42 -20.58
CA ASN A 412 -5.93 -3.36 -20.94
C ASN A 412 -5.46 -4.23 -19.79
N GLU A 413 -5.18 -3.62 -18.68
CA GLU A 413 -4.68 -4.42 -17.55
C GLU A 413 -5.77 -4.42 -16.50
N VAL A 414 -6.21 -5.59 -16.08
CA VAL A 414 -7.21 -5.66 -15.03
C VAL A 414 -6.92 -6.80 -14.07
N HIS A 415 -7.01 -6.48 -12.81
CA HIS A 415 -6.97 -7.50 -11.78
C HIS A 415 -8.29 -8.22 -11.77
N ILE A 416 -8.20 -9.52 -11.95
CA ILE A 416 -9.38 -10.40 -11.89
C ILE A 416 -9.12 -11.50 -10.87
N ASN A 417 -9.98 -11.57 -9.90
CA ASN A 417 -9.92 -12.61 -8.86
C ASN A 417 -11.05 -13.53 -9.12
N LYS A 418 -10.64 -14.71 -9.44
CA LYS A 418 -11.50 -15.91 -9.62
CA LYS A 418 -11.53 -15.84 -9.63
C LYS A 418 -11.80 -16.71 -8.33
N THR A 419 -13.06 -16.94 -8.09
CA THR A 419 -13.41 -17.76 -6.95
C THR A 419 -14.43 -18.74 -7.41
N VAL A 420 -14.24 -19.96 -6.99
CA VAL A 420 -15.12 -21.08 -7.32
C VAL A 420 -15.79 -21.60 -6.07
N ALA A 421 -17.11 -21.52 -6.12
CA ALA A 421 -17.96 -22.10 -5.11
C ALA A 421 -18.41 -23.48 -5.53
N ARG A 422 -18.23 -24.41 -4.65
CA ARG A 422 -18.48 -25.83 -4.92
C ARG A 422 -19.63 -26.36 -4.11
N GLU A 423 -20.52 -27.03 -4.83
CA GLU A 423 -21.70 -27.66 -4.21
C GLU A 423 -21.33 -28.78 -3.21
N ASN A 424 -20.42 -29.64 -3.60
CA ASN A 424 -20.15 -30.86 -2.79
C ASN A 424 -18.71 -31.36 -2.66
N LEU A 425 -17.81 -30.79 -3.43
CA LEU A 425 -16.38 -31.18 -3.45
C LEU A 425 -16.14 -32.60 -3.95
N LYS A 426 -17.13 -33.23 -4.55
CA LYS A 426 -17.03 -34.61 -5.03
C LYS A 426 -16.70 -34.71 -6.51
N GLY A 427 -17.11 -33.75 -7.32
CA GLY A 427 -16.75 -33.76 -8.75
C GLY A 427 -15.27 -33.56 -8.97
N LEU A 428 -14.78 -34.01 -10.11
CA LEU A 428 -13.41 -33.82 -10.54
C LEU A 428 -13.43 -32.84 -11.70
N TRP A 429 -12.65 -31.80 -11.53
CA TRP A 429 -12.53 -30.67 -12.45
C TRP A 429 -11.12 -30.30 -12.73
N ASP A 430 -10.87 -29.82 -13.93
CA ASP A 430 -9.59 -29.31 -14.35
C ASP A 430 -9.83 -27.87 -14.80
N TYR A 431 -9.00 -26.99 -14.31
CA TYR A 431 -9.01 -25.55 -14.66
C TYR A 431 -7.75 -25.19 -15.41
N GLY A 432 -7.94 -24.61 -16.56
CA GLY A 432 -6.84 -23.99 -17.27
C GLY A 432 -6.49 -22.65 -16.61
N PRO A 433 -5.41 -22.03 -17.08
CA PRO A 433 -5.10 -20.70 -16.63
C PRO A 433 -6.11 -19.69 -17.13
N LEU A 434 -6.19 -18.58 -16.42
CA LEU A 434 -6.89 -17.41 -16.99
C LEU A 434 -5.96 -16.79 -18.06
N LYS A 435 -6.33 -16.99 -19.31
CA LYS A 435 -5.49 -16.63 -20.50
C LYS A 435 -5.81 -15.23 -20.96
N LYS A 436 -4.81 -14.36 -20.97
CA LYS A 436 -4.92 -13.07 -21.63
C LYS A 436 -4.89 -13.29 -23.14
N GLU A 437 -5.95 -12.89 -23.81
CA GLU A 437 -6.06 -13.01 -25.27
C GLU A 437 -5.31 -11.84 -25.93
N ASN A 438 -5.27 -11.84 -27.24
CA ASN A 438 -4.37 -10.90 -27.97
C ASN A 438 -4.97 -9.54 -28.32
N VAL A 439 -6.09 -9.25 -27.66
CA VAL A 439 -6.70 -7.90 -27.67
C VAL A 439 -6.97 -7.43 -26.26
N PRO A 440 -6.98 -6.11 -26.04
CA PRO A 440 -7.09 -5.53 -24.71
C PRO A 440 -8.41 -5.93 -24.04
N GLY A 441 -8.30 -6.22 -22.77
CA GLY A 441 -9.43 -6.46 -21.90
C GLY A 441 -10.05 -7.86 -21.98
N LYS A 442 -9.54 -8.70 -22.86
CA LYS A 442 -10.17 -10.01 -23.14
C LYS A 442 -9.37 -11.14 -22.51
N TYR A 443 -10.05 -11.98 -21.77
CA TYR A 443 -9.49 -13.13 -21.09
C TYR A 443 -10.41 -14.32 -21.27
N THR A 444 -9.82 -15.50 -21.28
CA THR A 444 -10.57 -16.78 -21.39
C THR A 444 -10.09 -17.78 -20.34
N GLN A 445 -10.96 -18.70 -19.98
CA GLN A 445 -10.61 -19.77 -19.08
C GLN A 445 -11.35 -21.01 -19.44
N VAL A 446 -10.62 -22.11 -19.58
CA VAL A 446 -11.19 -23.41 -19.92
C VAL A 446 -11.36 -24.24 -18.65
N ILE A 447 -12.54 -24.80 -18.49
CA ILE A 447 -12.91 -25.69 -17.40
CA ILE A 447 -12.89 -25.70 -17.40
C ILE A 447 -13.34 -27.03 -17.97
N THR A 448 -12.67 -28.11 -17.59
CA THR A 448 -12.99 -29.46 -18.02
C THR A 448 -13.57 -30.25 -16.88
N TYR A 449 -14.76 -30.78 -17.12
CA TYR A 449 -15.44 -31.67 -16.15
C TYR A 449 -14.94 -33.09 -16.41
N ARG A 450 -14.42 -33.70 -15.35
CA ARG A 450 -13.83 -35.04 -15.39
C ARG A 450 -14.66 -36.11 -14.70
N GLY A 451 -15.85 -35.72 -14.29
CA GLY A 451 -16.78 -36.66 -13.70
C GLY A 451 -16.60 -36.92 -12.23
N HIS A 452 -16.63 -38.20 -11.94
CA HIS A 452 -16.59 -38.80 -10.57
C HIS A 452 -17.91 -38.71 -9.85
N SER A 453 -18.46 -37.51 -9.83
CA SER A 453 -19.75 -37.20 -9.17
C SER A 453 -20.41 -36.03 -9.82
N ASN A 454 -21.73 -36.04 -9.87
CA ASN A 454 -22.51 -34.83 -10.18
C ASN A 454 -22.12 -33.72 -9.21
N GLU A 455 -21.92 -32.52 -9.76
CA GLU A 455 -21.58 -31.35 -8.94
C GLU A 455 -21.84 -30.08 -9.72
N ARG A 456 -22.51 -29.13 -9.09
CA ARG A 456 -22.62 -27.77 -9.60
C ARG A 456 -21.52 -26.90 -9.03
N ILE A 457 -20.94 -26.06 -9.91
CA ILE A 457 -19.95 -25.09 -9.46
C ILE A 457 -20.41 -23.71 -9.93
N ASP A 458 -20.09 -22.70 -9.16
CA ASP A 458 -20.44 -21.32 -9.50
C ASP A 458 -19.12 -20.57 -9.49
N ILE A 459 -18.79 -19.99 -10.62
CA ILE A 459 -17.53 -19.33 -10.83
C ILE A 459 -17.76 -17.83 -10.92
N SER A 460 -17.14 -17.13 -9.99
CA SER A 460 -17.30 -15.69 -9.91
CA SER A 460 -17.25 -15.67 -9.82
C SER A 460 -15.97 -15.02 -10.23
N PHE A 461 -16.05 -14.00 -11.06
CA PHE A 461 -14.90 -13.13 -11.42
C PHE A 461 -15.17 -11.75 -10.78
N LYS A 462 -14.26 -11.35 -9.91
CA LYS A 462 -14.29 -10.00 -9.32
C LYS A 462 -13.26 -9.15 -10.05
N TYR A 463 -13.71 -8.02 -10.54
CA TYR A 463 -12.89 -7.12 -11.37
C TYR A 463 -12.45 -5.90 -10.56
N ALA A 464 -11.16 -5.69 -10.54
CA ALA A 464 -10.49 -4.49 -9.96
C ALA A 464 -10.98 -4.31 -8.54
N MET A 465 -11.12 -5.43 -7.87
CA MET A 465 -11.59 -5.49 -6.47
CA MET A 465 -11.55 -5.47 -6.47
C MET A 465 -12.87 -4.66 -6.23
N SER A 466 -13.72 -4.70 -7.24
CA SER A 466 -15.00 -3.98 -7.21
C SER A 466 -16.19 -4.91 -7.49
N PHE A 467 -16.70 -4.88 -8.70
CA PHE A 467 -17.91 -5.62 -9.05
C PHE A 467 -17.59 -7.07 -9.40
N THR A 468 -18.61 -7.91 -9.38
CA THR A 468 -18.48 -9.34 -9.72
C THR A 468 -19.47 -9.71 -10.79
N LYS A 469 -19.03 -10.65 -11.63
CA LYS A 469 -19.94 -11.36 -12.55
C LYS A 469 -19.76 -12.85 -12.31
N GLU A 470 -20.80 -13.59 -12.53
CA GLU A 470 -20.81 -15.00 -12.15
C GLU A 470 -21.43 -15.83 -13.23
N ILE A 471 -20.94 -17.07 -13.35
CA ILE A 471 -21.57 -18.11 -14.19
C ILE A 471 -21.67 -19.39 -13.36
N SER A 472 -22.50 -20.27 -13.82
CA SER A 472 -22.66 -21.58 -13.20
C SER A 472 -22.48 -22.72 -14.24
N ILE A 473 -21.98 -23.83 -13.74
CA ILE A 473 -21.87 -25.07 -14.50
C ILE A 473 -22.47 -26.21 -13.70
N ARG A 474 -23.39 -26.93 -14.33
CA ARG A 474 -23.89 -28.20 -13.76
C ARG A 474 -23.11 -29.37 -14.42
N GLY A 475 -22.23 -30.00 -13.63
CA GLY A 475 -21.56 -31.24 -14.02
C GLY A 475 -22.44 -32.42 -13.71
N ARG A 476 -22.80 -33.15 -14.76
CA ARG A 476 -23.61 -34.38 -14.66
C ARG A 476 -22.96 -35.59 -15.34
N LEU A 477 -23.02 -36.72 -14.67
CA LEU A 477 -22.32 -37.95 -15.17
C LEU A 477 -22.91 -38.52 -16.44
N SER A 478 -24.18 -38.31 -16.64
CA SER A 478 -24.86 -39.01 -17.76
C SER A 478 -24.18 -38.64 -19.09
C1 GLC B . 4.62 1.72 5.45
C2 GLC B . 4.04 3.11 5.31
C3 GLC B . 3.06 3.15 4.14
C4 GLC B . 3.67 2.62 2.87
C5 GLC B . 4.23 1.26 3.11
C6 GLC B . 5.01 0.73 1.90
O1 GLC B . 3.61 0.79 5.87
O2 GLC B . 3.39 3.45 6.56
O3 GLC B . 2.58 4.50 3.95
O4 GLC B . 2.62 2.54 1.89
O5 GLC B . 5.15 1.28 4.21
O6 GLC B . 5.12 -0.69 1.90
C1 GLC B . 2.58 3.53 0.90
C2 GLC B . 1.14 3.91 0.63
C3 GLC B . 0.39 2.69 0.17
C4 GLC B . 1.05 2.16 -1.11
C5 GLC B . 2.54 1.88 -0.87
C6 GLC B . 3.26 1.52 -2.19
O2 GLC B . 0.57 4.45 1.84
O3 GLC B . -1.03 3.00 -0.06
O4 GLC B . 0.36 0.95 -1.42
O5 GLC B . 3.16 3.03 -0.30
O6 GLC B . 4.55 0.97 -1.92
C1 GLC B . -0.31 0.87 -2.67
C2 GLC B . -1.68 0.24 -2.46
C3 GLC B . -1.53 -1.18 -1.98
C4 GLC B . -0.59 -1.98 -2.88
C5 GLC B . 0.69 -1.22 -3.16
C6 GLC B . 1.49 -1.96 -4.22
O2 GLC B . -2.41 1.05 -1.56
O3 GLC B . -2.82 -1.77 -1.88
O4 GLC B . -0.24 -3.25 -2.29
O5 GLC B . 0.43 0.11 -3.62
O6 GLC B . 2.79 -1.42 -4.34
C1 GLC B . -1.07 -4.38 -2.52
C2 GLC B . -0.87 -5.48 -1.49
C3 GLC B . 0.41 -6.24 -1.69
C4 GLC B . 0.54 -6.69 -3.13
C5 GLC B . 0.46 -5.49 -4.02
C6 GLC B . 0.56 -5.81 -5.51
O2 GLC B . -0.86 -4.95 -0.18
O3 GLC B . 0.44 -7.35 -0.80
O4 GLC B . 1.79 -7.34 -3.37
O5 GLC B . -0.80 -4.87 -3.81
O6 GLC B . -0.39 -6.79 -5.92
C1 PGE C . 5.74 19.67 1.52
O1 PGE C . 4.61 20.53 1.73
C2 PGE C . 5.54 18.45 2.42
O2 PGE C . 5.71 18.92 3.75
C3 PGE C . 5.33 18.10 4.85
C4 PGE C . 4.82 19.07 5.92
O3 PGE C . 5.26 18.63 7.22
#